data_6TN0
#
_entry.id   6TN0
#
_cell.length_a   109.051
_cell.length_b   109.051
_cell.length_c   83.945
_cell.angle_alpha   90.000
_cell.angle_beta   90.000
_cell.angle_gamma   120.000
#
_symmetry.space_group_name_H-M   'P 64'
#
loop_
_entity.id
_entity.type
_entity.pdbx_description
1 polymer '[Pyruvate dehydrogenase (acetyl-transferring)] kinase isozyme 2, mitochondrial'
2 non-polymer 'N-(2-AMINOETHYL)-2-{3-CHLORO-4-[(4-ISOPROPYLBENZYL)OXY]PHENYL} ACETAMIDE'
3 non-polymer 2,4-bis(oxidanyl)benzamide
4 non-polymer 'DIMETHYL SULFOXIDE'
5 non-polymer 'CHLORIDE ION'
6 water water
#
_entity_poly.entity_id   1
_entity_poly.type   'polypeptide(L)'
_entity_poly.pdbx_seq_one_letter_code
;GSAPKYIEHFSKFSPSPLSMKQFLDFGSSNACEKTSFTFLRQELPVRLANIMKEINLLPDRVLSTPSVQLVQSWYVQSLL
DIMEFLDKDPEDHRTLSQFTDALVTIRNRHNDVVPTMAQGVLEYKDTYGDDPVSNQNIQYFLDRFYLSRISIRMLINQHT
LIFDGSTNPAHPKHIGSIDPNCNVSEVVKDAYDMAKLLCDKYYMASPDLEIQEINAANSKQPIHMVYVPSHLYHMLFELF
KNAMRATVESHESSLILPPIKVMVALGEEDLSIKMSDRGGGVPLRKIERLFSYMYSTAPTPQPGTGGTPLAGFGYGLPIS
RLYAKYFQGDLQLFSMEGFGTDAVIYLKALSTDSVERLPVYNKSAWRHYQTIQEAGDWCVPSTEPKNTSTYRVS
;
_entity_poly.pdbx_strand_id   AAA
#
loop_
_chem_comp.id
_chem_comp.type
_chem_comp.name
_chem_comp.formula
CL non-polymer 'CHLORIDE ION' 'Cl -1'
DMS non-polymer 'DIMETHYL SULFOXIDE' 'C2 H6 O S'
NLZ non-polymer 2,4-bis(oxidanyl)benzamide 'C7 H7 N O3'
TF3 non-polymer 'N-(2-AMINOETHYL)-2-{3-CHLORO-4-[(4-ISOPROPYLBENZYL)OXY]PHENYL} ACETAMIDE' 'C20 H25 Cl N2 O2'
#
# COMPACT_ATOMS: atom_id res chain seq x y z
N GLY A 1 -9.35 3.77 32.18
CA GLY A 1 -8.15 4.34 31.52
C GLY A 1 -8.51 5.60 30.74
N SER A 2 -7.55 6.09 29.94
CA SER A 2 -7.57 7.43 29.28
C SER A 2 -7.63 7.31 27.74
N ALA A 3 -7.77 6.12 27.16
CA ALA A 3 -7.66 5.94 25.68
C ALA A 3 -8.61 6.90 24.99
N PRO A 4 -9.91 7.00 25.37
CA PRO A 4 -10.82 7.96 24.73
C PRO A 4 -10.34 9.41 24.79
N LYS A 5 -9.63 9.75 25.87
CA LYS A 5 -9.18 11.14 26.15
C LYS A 5 -8.06 11.48 25.17
N TYR A 6 -7.03 10.65 25.18
CA TYR A 6 -5.90 10.56 24.23
C TYR A 6 -6.38 10.61 22.76
N ILE A 7 -7.34 9.76 22.39
CA ILE A 7 -7.93 9.75 21.02
C ILE A 7 -8.45 11.16 20.74
N GLU A 8 -9.17 11.76 21.69
CA GLU A 8 -9.73 13.13 21.55
C GLU A 8 -8.60 14.17 21.46
N HIS A 9 -7.62 14.10 22.35
CA HIS A 9 -6.47 15.06 22.34
C HIS A 9 -5.81 15.00 20.96
N PHE A 10 -5.24 13.85 20.60
CA PHE A 10 -4.36 13.68 19.42
C PHE A 10 -5.14 13.81 18.11
N SER A 11 -6.45 13.53 18.09
CA SER A 11 -7.30 13.68 16.87
C SER A 11 -7.62 15.16 16.61
N LYS A 12 -7.20 16.09 17.48
CA LYS A 12 -7.32 17.55 17.23
C LYS A 12 -6.24 18.01 16.23
N PHE A 13 -5.11 17.29 16.17
CA PHE A 13 -3.93 17.59 15.32
C PHE A 13 -4.13 16.99 13.92
N SER A 14 -3.58 17.64 12.90
CA SER A 14 -3.50 17.07 11.53
C SER A 14 -2.25 16.22 11.42
N PRO A 15 -2.29 15.03 10.78
CA PRO A 15 -1.08 14.31 10.42
C PRO A 15 -0.20 15.25 9.59
N SER A 16 1.12 15.12 9.73
CA SER A 16 2.10 15.97 9.00
C SER A 16 2.68 15.12 7.87
N PRO A 17 2.25 15.36 6.61
CA PRO A 17 2.79 14.63 5.49
C PRO A 17 4.26 15.01 5.23
N LEU A 18 5.13 14.02 5.06
CA LEU A 18 6.55 14.20 4.70
C LEU A 18 6.76 13.92 3.22
N SER A 19 7.76 14.56 2.63
CA SER A 19 8.26 14.33 1.25
C SER A 19 9.36 13.27 1.29
N MET A 20 9.72 12.70 0.15
CA MET A 20 10.99 11.92 0.00
C MET A 20 12.18 12.69 0.58
N LYS A 21 12.31 13.98 0.25
CA LYS A 21 13.41 14.85 0.76
C LYS A 21 13.49 14.73 2.28
N GLN A 22 12.41 15.08 2.99
CA GLN A 22 12.36 14.95 4.47
C GLN A 22 12.71 13.53 4.92
N PHE A 23 12.16 12.50 4.26
CA PHE A 23 12.46 11.08 4.58
C PHE A 23 13.98 10.82 4.43
N LEU A 24 14.58 11.29 3.34
CA LEU A 24 16.04 11.11 3.08
C LEU A 24 16.91 11.83 4.13
N ASP A 25 16.62 13.10 4.47
CA ASP A 25 17.37 13.87 5.50
C ASP A 25 17.33 13.16 6.86
N PHE A 26 16.23 12.53 7.24
CA PHE A 26 16.09 11.83 8.54
C PHE A 26 17.08 10.67 8.64
N GLY A 27 17.68 10.26 7.51
CA GLY A 27 18.63 9.13 7.45
C GLY A 27 20.03 9.52 7.04
N SER A 28 20.45 10.76 7.34
CA SER A 28 21.80 11.31 7.05
C SER A 28 22.88 10.46 7.72
N ALA A 31 18.21 14.76 10.36
CA ALA A 31 19.42 14.71 11.20
C ALA A 31 19.67 13.27 11.68
N CYS A 32 19.29 12.96 12.93
CA CYS A 32 19.68 11.73 13.67
C CYS A 32 18.50 11.14 14.47
N GLU A 33 18.81 10.16 15.32
CA GLU A 33 17.83 9.30 16.03
C GLU A 33 16.99 10.10 17.02
N LYS A 34 17.58 11.07 17.74
CA LYS A 34 16.88 11.88 18.78
C LYS A 34 15.69 12.60 18.11
N THR A 35 15.93 13.20 16.93
CA THR A 35 14.93 13.97 16.16
C THR A 35 13.79 13.05 15.64
N SER A 36 14.13 11.84 15.21
CA SER A 36 13.15 10.82 14.75
C SER A 36 12.25 10.41 15.93
N PHE A 37 12.86 10.19 17.09
CA PHE A 37 12.14 9.86 18.34
C PHE A 37 11.17 10.99 18.69
N THR A 38 11.65 12.24 18.79
CA THR A 38 10.81 13.38 19.25
C THR A 38 9.72 13.62 18.18
N PHE A 39 10.00 13.40 16.90
CA PHE A 39 8.95 13.54 15.84
C PHE A 39 7.88 12.46 16.03
N LEU A 40 8.33 11.21 16.09
CA LEU A 40 7.47 10.01 15.96
C LEU A 40 6.57 9.88 17.20
N ARG A 41 7.08 10.27 18.37
CA ARG A 41 6.32 10.15 19.64
C ARG A 41 5.18 11.16 19.64
N GLN A 42 5.23 12.20 18.80
CA GLN A 42 4.07 13.10 18.57
C GLN A 42 3.25 12.56 17.40
N GLU A 43 3.90 12.18 16.30
CA GLU A 43 3.20 12.03 14.99
C GLU A 43 2.42 10.71 14.95
N LEU A 44 2.95 9.64 15.57
CA LEU A 44 2.25 8.32 15.54
C LEU A 44 0.94 8.43 16.32
N PRO A 45 0.92 9.02 17.55
CA PRO A 45 -0.34 9.22 18.26
C PRO A 45 -1.33 10.03 17.43
N VAL A 46 -0.86 11.05 16.72
CA VAL A 46 -1.73 11.89 15.83
C VAL A 46 -2.36 10.96 14.79
N ARG A 47 -1.54 10.12 14.16
CA ARG A 47 -2.00 9.29 13.02
C ARG A 47 -2.89 8.17 13.55
N LEU A 48 -2.47 7.52 14.65
CA LEU A 48 -3.30 6.48 15.33
C LEU A 48 -4.66 7.06 15.72
N ALA A 49 -4.65 8.19 16.42
CA ALA A 49 -5.85 8.82 17.00
C ALA A 49 -6.81 9.19 15.89
N ASN A 50 -6.28 9.75 14.79
CA ASN A 50 -7.12 10.23 13.66
C ASN A 50 -7.90 9.07 13.06
N ILE A 51 -7.26 7.93 12.84
CA ILE A 51 -8.00 6.78 12.24
C ILE A 51 -8.91 6.15 13.32
N MET A 52 -8.45 6.00 14.57
CA MET A 52 -9.26 5.43 15.68
C MET A 52 -10.56 6.22 15.82
N LYS A 53 -10.48 7.54 15.71
CA LYS A 53 -11.67 8.40 15.84
C LYS A 53 -12.64 8.04 14.72
N GLU A 54 -12.15 7.87 13.49
CA GLU A 54 -12.98 7.46 12.34
C GLU A 54 -13.61 6.07 12.59
N ILE A 55 -12.84 5.11 13.06
CA ILE A 55 -13.38 3.76 13.41
C ILE A 55 -14.57 3.94 14.37
N ASN A 56 -14.45 4.81 15.38
CA ASN A 56 -15.51 5.04 16.40
C ASN A 56 -16.77 5.69 15.78
N LEU A 57 -16.69 6.29 14.59
CA LEU A 57 -17.87 6.89 13.90
C LEU A 57 -18.60 5.82 13.07
N LEU A 58 -18.08 4.61 12.95
CA LEU A 58 -18.81 3.56 12.20
C LEU A 58 -20.11 3.25 12.95
N PRO A 59 -21.20 2.90 12.23
CA PRO A 59 -22.45 2.52 12.89
C PRO A 59 -22.22 1.32 13.81
N ASP A 60 -23.05 1.23 14.85
CA ASP A 60 -22.91 0.25 15.95
C ASP A 60 -22.90 -1.18 15.40
N ARG A 61 -23.72 -1.45 14.40
CA ARG A 61 -23.80 -2.79 13.76
C ARG A 61 -22.47 -3.19 13.06
N VAL A 62 -21.62 -2.23 12.72
CA VAL A 62 -20.25 -2.53 12.21
C VAL A 62 -19.27 -2.53 13.38
N LEU A 63 -19.32 -1.46 14.17
CA LEU A 63 -18.44 -1.17 15.32
C LEU A 63 -18.46 -2.34 16.31
N SER A 64 -19.62 -2.99 16.50
CA SER A 64 -19.81 -4.01 17.58
C SER A 64 -19.29 -5.39 17.15
N THR A 65 -18.98 -5.58 15.87
CA THR A 65 -18.52 -6.89 15.34
C THR A 65 -17.14 -7.21 15.91
N PRO A 66 -16.81 -8.49 16.15
CA PRO A 66 -15.53 -8.87 16.73
C PRO A 66 -14.27 -8.38 15.97
N SER A 67 -14.32 -8.37 14.62
CA SER A 67 -13.14 -8.03 13.78
C SER A 67 -12.74 -6.57 14.04
N VAL A 68 -13.71 -5.67 14.06
CA VAL A 68 -13.48 -4.21 14.33
C VAL A 68 -13.06 -4.02 15.78
N GLN A 69 -13.72 -4.69 16.72
CA GLN A 69 -13.36 -4.59 18.15
C GLN A 69 -11.92 -5.07 18.28
N LEU A 70 -11.54 -6.16 17.62
CA LEU A 70 -10.17 -6.70 17.77
C LEU A 70 -9.14 -5.68 17.25
N VAL A 71 -9.42 -5.07 16.10
CA VAL A 71 -8.48 -4.10 15.44
C VAL A 71 -8.45 -2.82 16.29
N GLN A 72 -9.62 -2.34 16.71
CA GLN A 72 -9.74 -1.19 17.64
C GLN A 72 -8.85 -1.43 18.87
N SER A 73 -8.84 -2.64 19.41
CA SER A 73 -8.05 -2.97 20.62
C SER A 73 -6.55 -2.92 20.30
N TRP A 74 -6.13 -3.35 19.11
CA TRP A 74 -4.69 -3.24 18.67
C TRP A 74 -4.27 -1.78 18.67
N TYR A 75 -5.08 -0.94 18.04
CA TYR A 75 -4.83 0.52 17.92
C TYR A 75 -4.73 1.12 19.33
N VAL A 76 -5.63 0.75 20.25
CA VAL A 76 -5.62 1.30 21.64
C VAL A 76 -4.28 0.94 22.31
N GLN A 77 -3.90 -0.34 22.29
CA GLN A 77 -2.65 -0.81 22.92
C GLN A 77 -1.46 -0.04 22.31
N SER A 78 -1.45 0.09 20.99
CA SER A 78 -0.31 0.65 20.23
C SER A 78 -0.13 2.13 20.60
N LEU A 79 -1.23 2.89 20.70
CA LEU A 79 -1.26 4.29 21.19
C LEU A 79 -0.67 4.34 22.61
N LEU A 80 -1.16 3.49 23.54
CA LEU A 80 -0.69 3.47 24.95
C LEU A 80 0.80 3.12 24.98
N ASP A 81 1.27 2.18 24.14
CA ASP A 81 2.71 1.84 24.11
C ASP A 81 3.53 3.08 23.76
N ILE A 82 3.03 3.96 22.87
CA ILE A 82 3.76 5.17 22.38
C ILE A 82 3.75 6.26 23.47
N MET A 83 2.63 6.42 24.19
CA MET A 83 2.48 7.35 25.34
C MET A 83 3.62 7.18 26.36
N GLU A 84 3.90 5.95 26.82
CA GLU A 84 4.96 5.66 27.81
C GLU A 84 6.13 6.63 27.60
N PHE A 85 6.42 7.02 26.35
CA PHE A 85 7.66 7.71 25.94
C PHE A 85 7.52 9.24 25.85
N LEU A 86 6.32 9.80 26.06
CA LEU A 86 6.10 11.25 25.83
C LEU A 86 6.96 12.09 26.81
N ASP A 87 7.10 11.64 28.06
CA ASP A 87 7.84 12.33 29.15
C ASP A 87 9.31 11.89 29.14
N LYS A 88 9.65 10.73 28.55
CA LYS A 88 11.03 10.15 28.60
C LYS A 88 12.02 11.14 27.98
N ASP A 89 13.31 10.91 28.28
CA ASP A 89 14.41 11.85 28.01
C ASP A 89 15.17 11.36 26.78
N PRO A 90 15.12 12.10 25.64
CA PRO A 90 15.78 11.67 24.41
C PRO A 90 17.28 11.34 24.53
N GLU A 91 18.03 11.96 25.47
CA GLU A 91 19.51 11.80 25.60
C GLU A 91 19.84 10.42 26.17
N ASP A 92 18.92 9.80 26.92
CA ASP A 92 19.11 8.44 27.49
C ASP A 92 18.97 7.43 26.34
N HIS A 93 20.07 6.78 25.94
CA HIS A 93 20.12 5.81 24.83
C HIS A 93 19.23 4.59 25.16
N ARG A 94 18.95 4.34 26.45
CA ARG A 94 18.03 3.26 26.89
C ARG A 94 16.58 3.65 26.48
N THR A 95 16.21 4.93 26.61
CA THR A 95 14.94 5.48 26.05
C THR A 95 14.82 5.11 24.56
N LEU A 96 15.86 5.39 23.78
CA LEU A 96 15.88 5.29 22.30
C LEU A 96 15.76 3.84 21.84
N SER A 97 16.55 2.92 22.38
CA SER A 97 16.52 1.48 21.99
C SER A 97 15.18 0.85 22.41
N GLN A 98 14.59 1.30 23.52
CA GLN A 98 13.28 0.80 24.04
C GLN A 98 12.17 1.21 23.09
N PHE A 99 12.30 2.42 22.52
CA PHE A 99 11.34 3.00 21.54
C PHE A 99 11.36 2.13 20.27
N THR A 100 12.53 1.85 19.72
CA THR A 100 12.70 0.90 18.57
C THR A 100 12.03 -0.45 18.89
N ASP A 101 12.27 -1.01 20.07
CA ASP A 101 11.64 -2.27 20.52
C ASP A 101 10.13 -2.10 20.48
N ALA A 102 9.62 -1.00 21.05
CA ALA A 102 8.18 -0.71 21.13
C ALA A 102 7.57 -0.64 19.72
N LEU A 103 8.32 -0.13 18.75
CA LEU A 103 7.83 0.07 17.36
C LEU A 103 7.71 -1.29 16.67
N VAL A 104 8.67 -2.17 16.91
CA VAL A 104 8.72 -3.51 16.26
C VAL A 104 7.51 -4.33 16.73
N THR A 105 7.22 -4.28 18.03
CA THR A 105 6.06 -4.95 18.69
C THR A 105 4.75 -4.45 18.05
N ILE A 106 4.57 -3.14 18.01
CA ILE A 106 3.40 -2.45 17.40
C ILE A 106 3.27 -2.94 15.95
N ARG A 107 4.35 -2.95 15.19
CA ARG A 107 4.30 -3.33 13.76
C ARG A 107 3.77 -4.77 13.65
N ASN A 108 4.36 -5.69 14.43
CA ASN A 108 4.04 -7.14 14.47
C ASN A 108 2.57 -7.32 14.85
N ARG A 109 2.15 -6.64 15.91
CA ARG A 109 0.78 -6.67 16.48
C ARG A 109 -0.30 -6.41 15.42
N HIS A 110 -0.04 -5.50 14.48
CA HIS A 110 -0.97 -5.10 13.40
C HIS A 110 -0.77 -5.92 12.12
N ASN A 111 0.08 -6.95 12.11
CA ASN A 111 0.39 -7.68 10.86
C ASN A 111 -0.87 -8.21 10.17
N ASP A 112 -1.90 -8.60 10.94
CA ASP A 112 -3.05 -9.39 10.39
C ASP A 112 -4.28 -8.51 10.21
N VAL A 113 -4.11 -7.21 10.04
CA VAL A 113 -5.22 -6.24 9.97
C VAL A 113 -6.04 -6.54 8.71
N VAL A 114 -5.38 -6.81 7.59
CA VAL A 114 -6.08 -6.91 6.28
C VAL A 114 -7.06 -8.06 6.34
N PRO A 115 -6.61 -9.31 6.57
CA PRO A 115 -7.53 -10.44 6.64
C PRO A 115 -8.59 -10.32 7.77
N THR A 116 -8.30 -9.56 8.84
CA THR A 116 -9.24 -9.33 9.98
C THR A 116 -10.37 -8.44 9.50
N MET A 117 -10.02 -7.30 8.88
CA MET A 117 -10.99 -6.38 8.26
C MET A 117 -11.78 -7.10 7.16
N ALA A 118 -11.14 -7.97 6.38
CA ALA A 118 -11.79 -8.81 5.35
C ALA A 118 -12.89 -9.68 5.98
N GLN A 119 -12.70 -10.21 7.20
CA GLN A 119 -13.74 -11.02 7.92
C GLN A 119 -14.94 -10.14 8.26
N GLY A 120 -14.69 -8.88 8.67
CA GLY A 120 -15.73 -7.89 8.96
C GLY A 120 -16.56 -7.61 7.73
N VAL A 121 -15.92 -7.58 6.57
CA VAL A 121 -16.63 -7.31 5.29
C VAL A 121 -17.54 -8.51 4.98
N LEU A 122 -17.00 -9.74 5.07
CA LEU A 122 -17.76 -10.99 4.84
C LEU A 122 -19.00 -10.99 5.74
N GLU A 123 -18.81 -10.72 7.02
CA GLU A 123 -19.90 -10.78 8.01
C GLU A 123 -20.96 -9.76 7.65
N TYR A 124 -20.54 -8.54 7.31
CA TYR A 124 -21.46 -7.44 6.95
C TYR A 124 -22.27 -7.87 5.72
N LYS A 125 -21.62 -8.49 4.73
CA LYS A 125 -22.30 -8.94 3.49
C LYS A 125 -23.44 -9.90 3.84
N ASP A 126 -23.18 -10.86 4.73
CA ASP A 126 -24.15 -11.91 5.13
C ASP A 126 -25.16 -11.37 6.16
N THR A 127 -24.77 -10.44 7.03
CA THR A 127 -25.67 -9.99 8.10
C THR A 127 -26.56 -8.82 7.65
N TYR A 128 -26.15 -8.00 6.67
CA TYR A 128 -26.86 -6.75 6.24
C TYR A 128 -27.01 -6.67 4.71
N GLY A 129 -26.19 -7.37 3.92
CA GLY A 129 -26.32 -7.40 2.44
C GLY A 129 -25.20 -6.65 1.73
N ASP A 130 -25.28 -6.62 0.41
CA ASP A 130 -24.16 -6.18 -0.47
C ASP A 130 -24.71 -5.20 -1.51
N ASP A 131 -25.55 -4.27 -1.05
CA ASP A 131 -26.16 -3.18 -1.86
C ASP A 131 -25.13 -2.09 -2.14
N PRO A 132 -25.34 -1.28 -3.22
CA PRO A 132 -24.33 -0.31 -3.67
C PRO A 132 -23.91 0.76 -2.66
N VAL A 133 -24.81 1.12 -1.75
CA VAL A 133 -24.54 2.13 -0.67
C VAL A 133 -23.61 1.53 0.39
N SER A 134 -23.85 0.28 0.80
CA SER A 134 -22.93 -0.52 1.66
C SER A 134 -21.52 -0.55 1.02
N ASN A 135 -21.46 -0.84 -0.28
CA ASN A 135 -20.20 -0.93 -1.05
C ASN A 135 -19.43 0.41 -0.99
N GLN A 136 -20.08 1.55 -1.22
CA GLN A 136 -19.40 2.88 -1.20
C GLN A 136 -18.89 3.18 0.20
N ASN A 137 -19.64 2.82 1.25
CA ASN A 137 -19.20 3.12 2.63
C ASN A 137 -18.01 2.24 3.00
N ILE A 138 -18.04 0.97 2.62
CA ILE A 138 -16.89 0.05 2.86
C ILE A 138 -15.66 0.60 2.11
N GLN A 139 -15.83 0.95 0.83
CA GLN A 139 -14.76 1.47 -0.05
C GLN A 139 -14.17 2.75 0.56
N TYR A 140 -15.05 3.65 0.98
CA TYR A 140 -14.65 4.95 1.55
C TYR A 140 -13.79 4.67 2.81
N PHE A 141 -14.32 3.84 3.69
CA PHE A 141 -13.70 3.58 5.02
C PHE A 141 -12.36 2.86 4.82
N LEU A 142 -12.33 1.75 4.10
CA LEU A 142 -11.11 0.89 3.94
C LEU A 142 -10.01 1.62 3.15
N ASP A 143 -10.33 2.40 2.13
CA ASP A 143 -9.30 3.19 1.41
C ASP A 143 -8.58 4.11 2.41
N ARG A 144 -9.34 4.76 3.30
CA ARG A 144 -8.78 5.72 4.29
C ARG A 144 -8.02 4.93 5.35
N PHE A 145 -8.61 3.84 5.83
CA PHE A 145 -8.02 3.00 6.88
C PHE A 145 -6.69 2.40 6.39
N TYR A 146 -6.70 1.73 5.24
CA TYR A 146 -5.49 1.06 4.68
C TYR A 146 -4.44 2.10 4.31
N LEU A 147 -4.85 3.25 3.77
CA LEU A 147 -3.86 4.30 3.40
C LEU A 147 -3.20 4.82 4.69
N SER A 148 -4.01 5.10 5.71
CA SER A 148 -3.50 5.51 7.04
C SER A 148 -2.49 4.45 7.50
N ARG A 149 -2.85 3.18 7.39
CA ARG A 149 -2.00 2.08 7.92
C ARG A 149 -0.68 2.01 7.13
N ILE A 150 -0.72 2.16 5.80
CA ILE A 150 0.50 2.19 4.95
C ILE A 150 1.42 3.30 5.50
N SER A 151 0.86 4.49 5.78
CA SER A 151 1.63 5.69 6.21
C SER A 151 2.30 5.43 7.56
N ILE A 152 1.62 4.70 8.45
CA ILE A 152 2.15 4.39 9.81
C ILE A 152 3.28 3.36 9.66
N ARG A 153 3.10 2.32 8.84
CA ARG A 153 4.17 1.32 8.60
C ARG A 153 5.40 2.00 7.99
N MET A 154 5.22 2.96 7.07
CA MET A 154 6.34 3.71 6.47
C MET A 154 7.17 4.37 7.59
N LEU A 155 6.54 5.13 8.49
CA LEU A 155 7.25 5.84 9.57
C LEU A 155 8.03 4.82 10.39
N ILE A 156 7.35 3.78 10.85
CA ILE A 156 7.96 2.75 11.75
C ILE A 156 9.13 2.11 11.01
N ASN A 157 8.95 1.74 9.75
CA ASN A 157 10.01 1.05 8.96
C ASN A 157 11.22 1.96 8.83
N GLN A 158 11.00 3.24 8.52
CA GLN A 158 12.11 4.21 8.35
C GLN A 158 12.90 4.28 9.67
N HIS A 159 12.21 4.41 10.79
CA HIS A 159 12.89 4.46 12.10
C HIS A 159 13.65 3.16 12.38
N THR A 160 13.01 1.99 12.30
CA THR A 160 13.59 0.73 12.81
C THR A 160 14.75 0.28 11.90
N LEU A 161 14.68 0.59 10.62
CA LEU A 161 15.66 0.13 9.61
C LEU A 161 16.89 1.02 9.66
N ILE A 162 16.71 2.33 9.83
CA ILE A 162 17.85 3.31 9.84
C ILE A 162 18.59 3.21 11.18
N PHE A 163 17.87 3.12 12.30
CA PHE A 163 18.45 3.18 13.68
C PHE A 163 18.43 1.81 14.36
N ASP A 164 19.28 0.89 13.92
CA ASP A 164 19.46 -0.46 14.54
C ASP A 164 20.51 -0.38 15.66
N LYS A 173 23.63 3.49 0.95
CA LYS A 173 22.93 3.55 -0.37
C LYS A 173 21.41 3.64 -0.14
N HIS A 174 20.78 2.58 0.35
CA HIS A 174 19.35 2.61 0.72
C HIS A 174 19.21 3.39 2.02
N ILE A 175 18.18 4.23 2.12
CA ILE A 175 17.82 4.92 3.38
C ILE A 175 16.55 4.23 3.89
N GLY A 176 16.73 3.17 4.66
CA GLY A 176 15.64 2.33 5.18
C GLY A 176 14.94 1.63 4.03
N SER A 177 13.65 1.89 3.85
CA SER A 177 12.83 1.31 2.77
C SER A 177 12.95 2.11 1.46
N ILE A 178 13.65 3.25 1.47
CA ILE A 178 13.84 4.15 0.28
C ILE A 178 15.16 3.86 -0.44
N ASP A 179 15.07 3.71 -1.76
CA ASP A 179 16.24 3.57 -2.64
C ASP A 179 16.30 4.85 -3.45
N PRO A 180 17.29 5.74 -3.22
CA PRO A 180 17.37 7.01 -3.92
C PRO A 180 17.79 6.80 -5.38
N ASN A 181 18.14 5.56 -5.73
CA ASN A 181 18.53 5.18 -7.11
C ASN A 181 17.81 3.95 -7.56
N CYS A 182 16.50 3.90 -7.33
CA CYS A 182 15.68 2.73 -7.68
C CYS A 182 15.71 2.50 -9.19
N ASN A 183 16.21 1.35 -9.64
CA ASN A 183 16.17 0.97 -11.08
C ASN A 183 14.82 0.29 -11.33
N VAL A 184 13.92 0.99 -11.99
CA VAL A 184 12.50 0.59 -12.11
C VAL A 184 12.41 -0.76 -12.82
N SER A 185 13.09 -0.90 -13.95
CA SER A 185 13.13 -2.14 -14.77
C SER A 185 13.60 -3.36 -13.96
N GLU A 186 14.58 -3.19 -13.08
CA GLU A 186 15.08 -4.28 -12.17
C GLU A 186 13.93 -4.76 -11.27
N VAL A 187 13.14 -3.83 -10.70
CA VAL A 187 12.00 -4.22 -9.83
C VAL A 187 10.92 -4.88 -10.69
N VAL A 188 10.70 -4.38 -11.92
CA VAL A 188 9.75 -5.05 -12.84
C VAL A 188 10.18 -6.51 -13.03
N LYS A 189 11.46 -6.76 -13.34
CA LYS A 189 12.00 -8.14 -13.62
C LYS A 189 11.84 -9.02 -12.38
N ASP A 190 12.26 -8.53 -11.21
CA ASP A 190 12.12 -9.23 -9.91
C ASP A 190 10.67 -9.71 -9.74
N ALA A 191 9.70 -8.80 -9.82
CA ALA A 191 8.28 -9.11 -9.59
C ALA A 191 7.79 -10.11 -10.64
N TYR A 192 8.19 -9.94 -11.89
CA TYR A 192 7.86 -10.88 -13.00
C TYR A 192 8.41 -12.28 -12.70
N ASP A 193 9.70 -12.36 -12.34
CA ASP A 193 10.41 -13.65 -12.03
C ASP A 193 9.67 -14.40 -10.92
N MET A 194 9.22 -13.70 -9.89
CA MET A 194 8.44 -14.32 -8.79
C MET A 194 7.08 -14.78 -9.30
N ALA A 195 6.36 -13.93 -10.03
CA ALA A 195 5.01 -14.27 -10.54
C ALA A 195 5.15 -15.51 -11.43
N LYS A 196 6.17 -15.53 -12.29
CA LYS A 196 6.45 -16.64 -13.25
C LYS A 196 6.62 -17.96 -12.49
N LEU A 197 7.41 -17.92 -11.42
CA LEU A 197 7.64 -19.04 -10.48
C LEU A 197 6.30 -19.65 -10.07
N LEU A 198 5.39 -18.83 -9.55
CA LEU A 198 4.08 -19.31 -9.05
C LEU A 198 3.23 -19.81 -10.22
N CYS A 199 3.33 -19.14 -11.35
CA CYS A 199 2.47 -19.38 -12.54
C CYS A 199 2.87 -20.73 -13.14
N ASP A 200 4.18 -20.99 -13.28
CA ASP A 200 4.77 -22.27 -13.76
C ASP A 200 4.37 -23.43 -12.84
N LYS A 201 4.27 -23.18 -11.55
CA LYS A 201 3.90 -24.20 -10.54
C LYS A 201 2.42 -24.56 -10.74
N TYR A 202 1.53 -23.59 -10.81
CA TYR A 202 0.07 -23.81 -10.85
C TYR A 202 -0.39 -24.16 -12.27
N TYR A 203 0.26 -23.66 -13.31
CA TYR A 203 -0.10 -23.96 -14.73
C TYR A 203 1.09 -24.62 -15.43
N MET A 204 0.87 -25.27 -16.55
CA MET A 204 1.97 -25.92 -17.31
C MET A 204 2.71 -24.84 -18.13
N ALA A 205 2.35 -23.55 -18.00
CA ALA A 205 2.99 -22.45 -18.77
C ALA A 205 2.96 -21.10 -18.04
N SER A 206 3.73 -20.16 -18.59
CA SER A 206 3.88 -18.76 -18.13
C SER A 206 4.21 -17.91 -19.35
N PRO A 207 3.57 -16.74 -19.54
CA PRO A 207 3.99 -15.84 -20.62
C PRO A 207 5.41 -15.32 -20.35
N ASP A 208 6.11 -14.97 -21.41
CA ASP A 208 7.40 -14.24 -21.34
C ASP A 208 7.17 -12.76 -21.00
N LEU A 209 8.27 -12.05 -20.74
CA LEU A 209 8.30 -10.61 -20.39
C LEU A 209 9.03 -9.86 -21.50
N GLU A 210 8.49 -8.73 -21.93
CA GLU A 210 9.24 -7.74 -22.71
C GLU A 210 9.19 -6.43 -21.95
N ILE A 211 10.33 -5.78 -21.72
CA ILE A 211 10.34 -4.42 -21.15
C ILE A 211 10.82 -3.50 -22.25
N GLN A 212 10.21 -2.33 -22.37
CA GLN A 212 10.67 -1.18 -23.18
C GLN A 212 10.75 0.00 -22.21
N GLU A 213 11.84 0.77 -22.27
CA GLU A 213 11.99 2.03 -21.54
C GLU A 213 11.91 3.17 -22.55
N ILE A 214 11.37 4.30 -22.12
CA ILE A 214 11.23 5.56 -22.90
C ILE A 214 11.68 6.66 -21.96
N ASN A 215 12.96 7.03 -21.99
CA ASN A 215 13.48 8.17 -21.21
C ASN A 215 13.39 9.40 -22.11
N ALA A 216 12.31 10.17 -22.00
CA ALA A 216 11.97 11.24 -22.96
C ALA A 216 13.15 12.22 -23.08
N ALA A 217 13.64 12.73 -21.95
CA ALA A 217 14.66 13.80 -21.89
C ALA A 217 16.06 13.23 -22.17
N ASN A 218 16.28 11.93 -21.93
CA ASN A 218 17.63 11.31 -21.96
C ASN A 218 17.55 9.91 -22.56
N SER A 219 17.28 9.86 -23.85
CA SER A 219 17.05 8.62 -24.60
C SER A 219 18.14 7.62 -24.19
N LYS A 220 17.81 6.34 -24.09
CA LYS A 220 18.81 5.27 -23.81
C LYS A 220 19.49 5.39 -22.43
N GLN A 221 19.33 6.48 -21.64
CA GLN A 221 19.78 6.49 -20.22
C GLN A 221 18.84 5.64 -19.36
N PRO A 222 19.33 4.65 -18.58
CA PRO A 222 18.46 3.77 -17.80
C PRO A 222 17.62 4.59 -16.80
N ILE A 223 16.37 4.21 -16.57
CA ILE A 223 15.39 5.02 -15.77
C ILE A 223 15.54 4.66 -14.29
N HIS A 224 15.82 5.67 -13.47
CA HIS A 224 16.02 5.56 -12.00
C HIS A 224 15.10 6.58 -11.34
N MET A 225 14.81 6.40 -10.06
CA MET A 225 13.93 7.32 -9.32
C MET A 225 14.21 7.11 -7.84
N VAL A 226 13.81 8.07 -7.02
CA VAL A 226 13.73 7.90 -5.55
C VAL A 226 12.37 7.25 -5.27
N TYR A 227 12.37 6.05 -4.68
CA TYR A 227 11.09 5.37 -4.36
C TYR A 227 11.34 4.36 -3.26
N VAL A 228 10.23 3.79 -2.78
CA VAL A 228 10.19 2.66 -1.83
C VAL A 228 10.01 1.40 -2.66
N PRO A 229 11.11 0.67 -2.97
CA PRO A 229 11.01 -0.42 -3.94
C PRO A 229 10.09 -1.57 -3.51
N SER A 230 9.91 -1.78 -2.20
CA SER A 230 9.01 -2.86 -1.72
C SER A 230 7.56 -2.53 -2.11
N HIS A 231 7.19 -1.25 -2.05
CA HIS A 231 5.86 -0.74 -2.49
C HIS A 231 5.70 -1.03 -3.99
N LEU A 232 6.73 -0.71 -4.77
CA LEU A 232 6.71 -0.83 -6.25
C LEU A 232 6.62 -2.33 -6.60
N TYR A 233 7.41 -3.15 -5.93
CA TYR A 233 7.36 -4.64 -6.07
C TYR A 233 5.94 -5.15 -5.76
N HIS A 234 5.35 -4.73 -4.64
CA HIS A 234 3.97 -5.14 -4.22
C HIS A 234 3.00 -4.87 -5.38
N MET A 235 3.02 -3.66 -5.93
CA MET A 235 2.10 -3.30 -7.03
C MET A 235 2.39 -4.16 -8.26
N LEU A 236 3.64 -4.25 -8.72
CA LEU A 236 4.03 -4.99 -9.96
C LEU A 236 3.71 -6.49 -9.80
N PHE A 237 4.01 -7.06 -8.65
CA PHE A 237 3.71 -8.49 -8.36
C PHE A 237 2.21 -8.77 -8.52
N GLU A 238 1.38 -7.98 -7.82
CA GLU A 238 -0.09 -8.08 -7.93
C GLU A 238 -0.53 -8.00 -9.40
N LEU A 239 0.01 -7.07 -10.16
CA LEU A 239 -0.43 -6.87 -11.55
C LEU A 239 0.05 -8.05 -12.41
N PHE A 240 1.26 -8.55 -12.17
CA PHE A 240 1.82 -9.69 -12.95
C PHE A 240 0.95 -10.92 -12.73
N LYS A 241 0.58 -11.17 -11.48
CA LYS A 241 -0.26 -12.35 -11.13
C LYS A 241 -1.54 -12.31 -11.96
N ASN A 242 -2.18 -11.15 -12.04
CA ASN A 242 -3.49 -11.01 -12.73
C ASN A 242 -3.31 -11.19 -14.24
N ALA A 243 -2.29 -10.53 -14.79
CA ALA A 243 -1.98 -10.55 -16.24
C ALA A 243 -1.60 -12.00 -16.66
N MET A 244 -0.93 -12.75 -15.78
CA MET A 244 -0.51 -14.15 -16.06
C MET A 244 -1.72 -15.09 -15.97
N ARG A 245 -2.52 -15.03 -14.91
CA ARG A 245 -3.74 -15.85 -14.79
C ARG A 245 -4.58 -15.65 -16.05
N ALA A 246 -4.83 -14.41 -16.44
CA ALA A 246 -5.73 -14.09 -17.57
C ALA A 246 -5.13 -14.63 -18.89
N THR A 247 -3.86 -14.34 -19.15
CA THR A 247 -3.17 -14.78 -20.40
C THR A 247 -3.25 -16.31 -20.48
N VAL A 248 -2.99 -16.98 -19.37
CA VAL A 248 -2.88 -18.47 -19.38
C VAL A 248 -4.28 -19.03 -19.57
N GLU A 249 -5.25 -18.64 -18.74
CA GLU A 249 -6.61 -19.23 -18.79
C GLU A 249 -7.32 -18.94 -20.13
N SER A 250 -7.11 -17.76 -20.71
CA SER A 250 -7.79 -17.35 -21.95
C SER A 250 -7.16 -18.09 -23.13
N HIS A 251 -5.99 -18.72 -22.98
CA HIS A 251 -5.28 -19.40 -24.09
C HIS A 251 -5.09 -20.90 -23.85
N GLU A 252 -5.87 -21.56 -22.99
CA GLU A 252 -5.52 -22.95 -22.61
C GLU A 252 -5.83 -23.90 -23.78
N SER A 253 -6.76 -23.54 -24.67
CA SER A 253 -7.07 -24.24 -25.94
C SER A 253 -6.17 -23.74 -27.06
N SER A 254 -5.68 -22.50 -26.98
CA SER A 254 -4.67 -21.95 -27.93
C SER A 254 -3.33 -22.61 -27.60
N LEU A 255 -2.28 -22.42 -28.41
CA LEU A 255 -0.94 -23.01 -28.15
C LEU A 255 0.07 -21.88 -27.91
N ILE A 256 0.07 -20.87 -28.80
CA ILE A 256 0.82 -19.59 -28.60
C ILE A 256 0.30 -18.90 -27.32
N LEU A 257 1.21 -18.20 -26.64
CA LEU A 257 0.98 -17.55 -25.32
C LEU A 257 1.63 -16.18 -25.43
N PRO A 258 0.82 -15.11 -25.59
CA PRO A 258 1.36 -13.78 -25.84
C PRO A 258 2.18 -13.38 -24.63
N PRO A 259 3.31 -12.68 -24.84
CA PRO A 259 4.09 -12.17 -23.71
C PRO A 259 3.29 -11.07 -22.98
N ILE A 260 3.76 -10.74 -21.78
CA ILE A 260 3.35 -9.51 -21.07
C ILE A 260 4.36 -8.43 -21.39
N LYS A 261 3.89 -7.30 -21.89
CA LYS A 261 4.75 -6.16 -22.33
C LYS A 261 4.65 -5.07 -21.29
N VAL A 262 5.78 -4.62 -20.79
CA VAL A 262 5.84 -3.53 -19.80
C VAL A 262 6.60 -2.40 -20.48
N MET A 263 6.00 -1.21 -20.51
CA MET A 263 6.68 0.04 -20.88
C MET A 263 6.92 0.85 -19.61
N VAL A 264 8.14 1.32 -19.42
CA VAL A 264 8.50 2.33 -18.39
C VAL A 264 8.80 3.62 -19.11
N ALA A 265 8.00 4.66 -18.87
CA ALA A 265 8.10 6.02 -19.46
C ALA A 265 8.52 7.00 -18.38
N LEU A 266 9.53 7.81 -18.66
CA LEU A 266 9.93 8.92 -17.78
C LEU A 266 9.68 10.21 -18.52
N GLY A 267 8.77 11.02 -17.96
CA GLY A 267 8.37 12.34 -18.47
C GLY A 267 8.89 13.39 -17.53
N GLU A 268 8.50 14.63 -17.77
CA GLU A 268 8.85 15.83 -16.97
C GLU A 268 8.37 15.66 -15.53
N GLU A 269 7.16 15.12 -15.33
CA GLU A 269 6.67 14.95 -13.95
C GLU A 269 6.18 13.53 -13.65
N ASP A 270 5.82 12.74 -14.65
CA ASP A 270 5.31 11.36 -14.43
C ASP A 270 6.40 10.35 -14.74
N LEU A 271 6.52 9.34 -13.88
CA LEU A 271 7.14 8.05 -14.26
C LEU A 271 6.03 6.99 -14.33
N SER A 272 5.76 6.49 -15.52
CA SER A 272 4.56 5.66 -15.83
C SER A 272 5.00 4.26 -16.20
N ILE A 273 4.35 3.25 -15.63
CA ILE A 273 4.63 1.83 -15.90
C ILE A 273 3.35 1.19 -16.37
N LYS A 274 3.30 0.84 -17.65
CA LYS A 274 2.16 0.12 -18.26
C LYS A 274 2.51 -1.35 -18.41
N MET A 275 1.64 -2.20 -17.91
CA MET A 275 1.68 -3.65 -18.11
C MET A 275 0.52 -4.04 -19.02
N SER A 276 0.82 -4.47 -20.25
CA SER A 276 -0.16 -4.87 -21.29
C SER A 276 -0.13 -6.38 -21.42
N ASP A 277 -1.31 -7.00 -21.35
CA ASP A 277 -1.54 -8.44 -21.58
C ASP A 277 -2.59 -8.65 -22.67
N ARG A 278 -2.63 -9.88 -23.18
CA ARG A 278 -3.67 -10.33 -24.14
C ARG A 278 -4.47 -11.47 -23.50
N GLY A 279 -4.95 -11.25 -22.27
CA GLY A 279 -5.72 -12.21 -21.48
C GLY A 279 -7.20 -12.22 -21.85
N GLY A 280 -7.58 -11.56 -22.94
CA GLY A 280 -9.00 -11.61 -23.38
C GLY A 280 -9.87 -10.58 -22.69
N GLY A 281 -9.33 -9.82 -21.74
CA GLY A 281 -9.93 -8.56 -21.26
C GLY A 281 -11.11 -8.80 -20.35
N VAL A 282 -11.71 -7.72 -19.89
CA VAL A 282 -12.94 -7.73 -19.06
C VAL A 282 -13.87 -6.61 -19.57
N PRO A 283 -15.19 -6.84 -19.54
CA PRO A 283 -16.14 -5.82 -19.94
C PRO A 283 -16.03 -4.63 -18.98
N LEU A 284 -16.21 -3.42 -19.50
CA LEU A 284 -16.12 -2.16 -18.72
C LEU A 284 -16.97 -2.28 -17.44
N ARG A 285 -18.13 -2.89 -17.53
CA ARG A 285 -19.10 -3.00 -16.41
C ARG A 285 -18.39 -3.65 -15.22
N LYS A 286 -17.51 -4.61 -15.45
CA LYS A 286 -16.91 -5.43 -14.36
C LYS A 286 -15.61 -4.81 -13.85
N ILE A 287 -15.16 -3.67 -14.40
CA ILE A 287 -13.87 -3.07 -13.97
C ILE A 287 -13.93 -2.53 -12.53
N GLU A 288 -14.96 -1.75 -12.19
CA GLU A 288 -15.17 -1.17 -10.84
C GLU A 288 -15.13 -2.26 -9.75
N ARG A 289 -15.73 -3.43 -10.01
CA ARG A 289 -15.76 -4.56 -9.05
C ARG A 289 -14.34 -4.96 -8.62
N LEU A 290 -13.37 -4.96 -9.55
CA LEU A 290 -11.98 -5.41 -9.28
C LEU A 290 -11.32 -4.50 -8.24
N PHE A 291 -11.80 -3.28 -8.06
CA PHE A 291 -11.21 -2.35 -7.06
C PHE A 291 -12.03 -2.33 -5.76
N SER A 292 -13.17 -3.03 -5.76
CA SER A 292 -14.19 -3.03 -4.66
C SER A 292 -13.81 -4.03 -3.60
N TYR A 293 -13.54 -3.60 -2.37
CA TYR A 293 -13.26 -4.54 -1.25
C TYR A 293 -14.48 -5.47 -1.11
N MET A 294 -15.69 -4.91 -1.16
CA MET A 294 -16.92 -5.72 -0.95
C MET A 294 -17.02 -6.78 -2.05
N TYR A 295 -16.99 -6.39 -3.33
CA TYR A 295 -17.32 -7.31 -4.46
C TYR A 295 -16.19 -8.33 -4.63
N SER A 296 -14.99 -8.00 -4.19
CA SER A 296 -13.82 -8.92 -4.27
C SER A 296 -13.60 -9.67 -2.93
N THR A 297 -14.58 -9.63 -2.01
CA THR A 297 -14.61 -10.46 -0.76
C THR A 297 -15.57 -11.66 -0.97
N ALA A 298 -15.13 -12.88 -0.65
CA ALA A 298 -15.88 -14.14 -0.84
C ALA A 298 -15.52 -15.17 0.24
N PRO A 299 -16.38 -16.19 0.48
CA PRO A 299 -16.01 -17.36 1.28
C PRO A 299 -15.16 -18.33 0.45
N PRO A 309 -6.70 -14.66 -8.64
CA PRO A 309 -5.35 -14.09 -8.65
C PRO A 309 -4.30 -15.10 -9.16
N LEU A 310 -3.69 -15.95 -8.31
CA LEU A 310 -2.82 -17.10 -8.73
C LEU A 310 -2.83 -18.21 -7.67
N ALA A 311 -3.42 -19.38 -7.98
CA ALA A 311 -3.52 -20.57 -7.09
C ALA A 311 -4.35 -20.22 -5.85
N GLY A 314 -10.20 -6.55 2.29
CA GLY A 314 -8.93 -6.28 1.57
C GLY A 314 -8.92 -6.81 0.15
N TYR A 315 -7.79 -6.60 -0.58
CA TYR A 315 -7.31 -7.38 -1.77
C TYR A 315 -6.26 -6.59 -2.59
N GLY A 316 -5.52 -7.34 -3.43
CA GLY A 316 -4.31 -6.97 -4.17
C GLY A 316 -4.48 -5.69 -4.95
N LEU A 317 -5.55 -5.59 -5.73
CA LEU A 317 -5.76 -4.45 -6.64
C LEU A 317 -6.06 -3.18 -5.85
N PRO A 318 -7.10 -3.12 -5.00
CA PRO A 318 -7.42 -1.90 -4.26
C PRO A 318 -6.26 -1.38 -3.40
N ILE A 319 -5.52 -2.27 -2.74
CA ILE A 319 -4.37 -1.95 -1.85
C ILE A 319 -3.14 -1.55 -2.70
N SER A 320 -2.89 -2.22 -3.82
CA SER A 320 -1.85 -1.78 -4.79
C SER A 320 -2.16 -0.32 -5.21
N ARG A 321 -3.41 0.02 -5.48
CA ARG A 321 -3.77 1.41 -5.85
C ARG A 321 -3.49 2.39 -4.70
N LEU A 322 -3.68 1.98 -3.45
CA LEU A 322 -3.36 2.87 -2.30
C LEU A 322 -1.85 3.10 -2.25
N TYR A 323 -1.03 2.07 -2.45
CA TYR A 323 0.45 2.24 -2.47
C TYR A 323 0.82 3.31 -3.51
N ALA A 324 0.18 3.30 -4.68
CA ALA A 324 0.47 4.27 -5.76
C ALA A 324 0.04 5.67 -5.33
N LYS A 325 -1.14 5.75 -4.71
CA LYS A 325 -1.73 7.05 -4.24
C LYS A 325 -0.89 7.64 -3.13
N TYR A 326 -0.19 6.79 -2.37
CA TYR A 326 0.45 7.20 -1.09
C TYR A 326 1.50 8.31 -1.33
N PHE A 327 2.26 8.27 -2.44
CA PHE A 327 3.16 9.39 -2.83
C PHE A 327 2.64 10.10 -4.08
N GLN A 328 1.33 10.34 -4.15
CA GLN A 328 0.65 11.24 -5.14
C GLN A 328 0.65 10.59 -6.53
N GLY A 329 0.62 9.28 -6.60
CA GLY A 329 0.48 8.53 -7.86
C GLY A 329 -0.88 7.93 -7.96
N ASP A 330 -1.03 6.90 -8.77
CA ASP A 330 -2.33 6.25 -9.03
C ASP A 330 -2.05 4.94 -9.76
N LEU A 331 -3.06 4.10 -9.86
CA LEU A 331 -3.04 2.85 -10.60
C LEU A 331 -4.40 2.72 -11.27
N GLN A 332 -4.41 2.67 -12.60
CA GLN A 332 -5.63 2.59 -13.45
C GLN A 332 -5.59 1.33 -14.28
N LEU A 333 -6.77 0.73 -14.49
CA LEU A 333 -6.98 -0.40 -15.41
C LEU A 333 -7.86 0.10 -16.54
N PHE A 334 -7.48 -0.25 -17.75
CA PHE A 334 -8.22 -0.07 -19.02
CA PHE A 334 -8.35 -0.15 -18.93
C PHE A 334 -8.17 -1.41 -19.78
N SER A 335 -9.30 -2.07 -19.97
CA SER A 335 -9.40 -3.35 -20.68
C SER A 335 -10.06 -3.15 -22.05
N MET A 336 -9.90 -4.14 -22.90
CA MET A 336 -10.57 -4.26 -24.21
C MET A 336 -11.12 -5.67 -24.29
N GLU A 337 -12.37 -5.84 -23.91
CA GLU A 337 -13.01 -7.16 -23.82
C GLU A 337 -12.78 -7.88 -25.13
N GLY A 338 -12.18 -9.07 -25.09
CA GLY A 338 -11.89 -9.88 -26.28
C GLY A 338 -10.43 -9.82 -26.70
N PHE A 339 -9.66 -8.91 -26.11
CA PHE A 339 -8.26 -8.72 -26.50
C PHE A 339 -7.39 -8.83 -25.25
N GLY A 340 -7.51 -7.85 -24.35
CA GLY A 340 -6.68 -7.80 -23.15
C GLY A 340 -6.82 -6.54 -22.35
N THR A 341 -5.87 -6.31 -21.44
CA THR A 341 -5.96 -5.34 -20.34
C THR A 341 -4.62 -4.63 -20.21
N ASP A 342 -4.66 -3.30 -20.10
CA ASP A 342 -3.54 -2.41 -19.71
C ASP A 342 -3.75 -1.99 -18.27
N ALA A 343 -2.72 -2.16 -17.46
CA ALA A 343 -2.63 -1.63 -16.08
C ALA A 343 -1.49 -0.65 -16.06
N VAL A 344 -1.74 0.56 -15.55
CA VAL A 344 -0.72 1.63 -15.48
C VAL A 344 -0.56 2.05 -14.04
N ILE A 345 0.68 2.01 -13.57
CA ILE A 345 1.13 2.65 -12.32
C ILE A 345 1.66 4.01 -12.72
N TYR A 346 1.09 5.03 -12.14
CA TYR A 346 1.53 6.44 -12.23
C TYR A 346 2.25 6.82 -10.94
N LEU A 347 3.51 7.24 -11.05
CA LEU A 347 4.35 7.79 -9.96
C LEU A 347 4.83 9.18 -10.35
N LYS A 348 5.18 9.97 -9.35
CA LYS A 348 5.83 11.27 -9.54
C LYS A 348 7.29 10.95 -9.88
N ALA A 349 7.83 11.53 -10.94
CA ALA A 349 9.24 11.35 -11.36
C ALA A 349 10.17 12.00 -10.32
N LEU A 350 9.73 13.13 -9.75
CA LEU A 350 10.55 14.05 -8.92
C LEU A 350 10.29 13.82 -7.43
N SER A 351 11.36 13.67 -6.65
CA SER A 351 11.33 13.48 -5.18
C SER A 351 10.62 14.67 -4.55
N THR A 352 10.63 15.84 -5.21
CA THR A 352 10.01 17.07 -4.69
C THR A 352 8.48 16.92 -4.74
N ASP A 353 7.92 16.15 -5.69
CA ASP A 353 6.43 15.99 -5.85
C ASP A 353 5.95 14.75 -5.10
N SER A 354 6.86 13.98 -4.52
CA SER A 354 6.61 12.70 -3.80
C SER A 354 6.41 13.05 -2.33
N VAL A 355 5.17 13.38 -1.99
CA VAL A 355 4.72 13.75 -0.62
C VAL A 355 3.68 12.74 -0.18
N GLU A 356 3.72 12.32 1.08
CA GLU A 356 2.66 11.44 1.64
C GLU A 356 1.29 12.05 1.33
N ARG A 357 0.37 11.21 0.88
CA ARG A 357 -1.07 11.47 0.83
C ARG A 357 -1.71 10.76 2.04
N LEU A 358 -2.28 11.53 2.96
CA LEU A 358 -2.78 11.01 4.25
C LEU A 358 -4.27 11.35 4.35
N PRO A 359 -5.14 10.39 4.76
CA PRO A 359 -6.52 10.76 5.06
C PRO A 359 -6.53 11.59 6.35
N VAL A 360 -7.15 12.77 6.33
CA VAL A 360 -7.32 13.63 7.55
C VAL A 360 -8.77 13.52 8.07
N TYR A 361 -8.92 13.31 9.38
CA TYR A 361 -10.23 13.25 10.09
C TYR A 361 -10.91 14.65 10.13
N ASN A 362 -12.23 14.71 9.97
CA ASN A 362 -13.07 15.95 10.10
C ASN A 362 -14.51 15.66 9.63
C1 TF3 B . -21.90 1.21 6.62
C2 TF3 B . -21.97 2.59 6.75
C3 TF3 B . -22.96 0.59 5.97
O1 TF3 B . -20.79 0.59 7.09
C4 TF3 B . -23.03 3.33 6.30
CL1 TF3 B . -20.65 3.40 7.52
C5 TF3 B . -24.03 1.32 5.50
C6 TF3 B . -20.16 -0.26 6.15
C7 TF3 B . -24.09 2.71 5.66
C8 TF3 B . -19.01 -1.06 6.69
C9 TF3 B . -25.27 3.51 5.18
C10 TF3 B . -19.13 -2.43 6.78
C11 TF3 B . -17.77 -0.48 6.93
C12 TF3 B . -26.20 3.89 6.31
C13 TF3 B . -18.07 -3.20 7.20
C14 TF3 B . -16.71 -1.26 7.37
N1 TF3 B . -25.69 4.67 7.27
O2 TF3 B . -27.36 3.48 6.34
C15 TF3 B . -16.85 -2.64 7.53
C16 TF3 B . -26.16 4.70 8.64
C17 TF3 B . -15.68 -3.54 7.90
C18 TF3 B . -25.02 4.77 9.64
C19 TF3 B . -15.30 -3.47 9.37
C20 TF3 B . -14.48 -3.26 7.01
N2 TF3 B . -25.48 4.92 11.01
H3 TF3 B . -22.94 -0.34 5.85
H4 TF3 B . -23.05 4.25 6.44
H5 TF3 B . -24.75 0.88 5.07
H6C1 TF3 B . -19.81 0.27 5.41
H6C2 TF3 B . -20.81 -0.90 5.80
H9C1 TF3 B . -25.76 2.95 4.55
H9C2 TF3 B . -24.96 4.34 4.74
H10 TF3 B . -19.94 -2.83 6.55
H11 TF3 B . -17.65 0.44 6.76
H13 TF3 B . -18.19 -4.14 7.30
H14 TF3 B . -15.87 -0.86 7.53
H1 TF3 B . -25.03 5.20 7.07
H161 TF3 B . -26.70 3.89 8.81
H162 TF3 B . -26.75 5.48 8.77
H17 TF3 B . -15.97 -4.47 7.73
H181 TF3 B . -24.45 5.52 9.41
H182 TF3 B . -24.51 3.93 9.58
H191 TF3 B . -15.89 -2.83 9.83
H192 TF3 B . -14.38 -3.17 9.45
H193 TF3 B . -15.40 -4.34 9.77
H201 TF3 B . -14.70 -2.57 6.36
H202 TF3 B . -14.24 -4.07 6.53
H203 TF3 B . -13.74 -2.98 7.55
H2N1 TF3 B . -24.78 4.95 11.56
H2N2 TF3 B . -26.37 4.95 11.03
C10 NLZ C . -8.08 -9.47 -16.47
O08 NLZ C . -5.61 -8.97 -17.47
C07 NLZ C . -5.93 -8.40 -16.26
C06 NLZ C . -5.03 -7.60 -15.56
C05 NLZ C . -5.42 -7.06 -14.35
O09 NLZ C . -4.55 -6.27 -13.66
C04 NLZ C . -6.69 -7.31 -13.84
C03 NLZ C . -7.58 -8.12 -14.55
C02 NLZ C . -7.20 -8.66 -15.76
O11 NLZ C . -8.19 -9.37 -17.70
N01 NLZ C . -8.76 -10.34 -15.74
H08 NLZ C . -4.69 -8.71 -17.73
H06 NLZ C . -4.03 -7.40 -15.97
H09 NLZ C . -4.99 -5.96 -12.81
H04 NLZ C . -6.98 -6.88 -12.89
H03 NLZ C . -8.57 -8.32 -14.15
H01 NLZ C . -9.42 -10.95 -16.17
H1A NLZ C . -8.64 -10.37 -14.75
S DMS D . -9.98 2.85 -13.50
O DMS D . -8.75 2.08 -13.19
C1 DMS D . -9.66 3.83 -14.95
C2 DMS D . -11.09 1.69 -14.15
H11 DMS D . -10.45 4.33 -15.18
H12 DMS D . -9.42 3.25 -15.69
H13 DMS D . -8.92 4.43 -14.77
H21 DMS D . -11.92 2.13 -14.38
H22 DMS D . -11.26 1.00 -13.50
H23 DMS D . -10.70 1.28 -14.95
CL CL E . 11.61 8.79 10.18
#